data_5T4K
#
_entry.id   5T4K
#
_cell.length_a   96.630
_cell.length_b   127.530
_cell.length_c   67.580
_cell.angle_alpha   90.00
_cell.angle_beta   90.00
_cell.angle_gamma   90.00
#
_symmetry.space_group_name_H-M   'C 2 2 21'
#
loop_
_entity.id
_entity.type
_entity.pdbx_description
1 polymer 'HTH-type transcriptional regulatory protein GabR'
2 non-polymer '(4S)-5-fluoro-4-[({3-hydroxy-2-methyl-5-[(phosphonooxy)methyl]pyridin-4-yl}methyl)amino]pentanoic acid'
3 water water
#
_entity_poly.entity_id   1
_entity_poly.type   'polypeptide(L)'
_entity_poly.pdbx_seq_one_letter_code
;SDWISFSHMSSDTDHFPIKSWFRCEQKAASRSYATLGDMSHPQGIYEVRAAITRLISLTRGVKCRPEQMIIGAGTQVLMQ
LLTELLPKEAVYAMEEPGYRRMYQLLKNAGKQVKTIMLDEKGMSIAEITRQQPDVLVTTPSHQFPSGTIMPVSRRIQLLN
WAAEEPARYIIEDDYDSEFTYDVESIPALQSLDRFQNVIYMGTFSKSLLPGLRISYMVLPPELLRAYKQRGYDLQTCSSL
TQLTLQEFIESGEYQKHIKKMKQHYKEKRERLITALEAEFSGEVTVKGANAGLHFVTEFDTRRTEQDILSHAAGLQLEIF
GMSRFNLKENKRQTGRPTLIIGFARLKEEDIQEGVQRLFKAVYGH
;
_entity_poly.pdbx_strand_id   A
#
loop_
_chem_comp.id
_chem_comp.type
_chem_comp.name
_chem_comp.formula
76U non-polymer '(4S)-5-fluoro-4-[({3-hydroxy-2-methyl-5-[(phosphonooxy)methyl]pyridin-4-yl}methyl)amino]pentanoic acid' 'C13 H20 F N2 O7 P'
#
# COMPACT_ATOMS: atom_id res chain seq x y z
N SER A 1 -26.62 -15.32 -1.23
CA SER A 1 -25.21 -15.52 -0.90
C SER A 1 -24.81 -14.70 0.33
N ASP A 2 -24.41 -15.39 1.38
CA ASP A 2 -24.03 -14.75 2.64
C ASP A 2 -22.53 -14.83 2.86
N TRP A 3 -21.78 -14.09 2.04
CA TRP A 3 -20.32 -14.14 2.07
C TRP A 3 -19.71 -13.29 3.17
N ILE A 4 -18.61 -13.77 3.73
CA ILE A 4 -17.82 -13.00 4.68
C ILE A 4 -16.41 -12.83 4.13
N SER A 5 -15.89 -11.60 4.17
CA SER A 5 -14.63 -11.29 3.52
C SER A 5 -13.48 -11.06 4.49
N PHE A 6 -12.42 -11.82 4.31
CA PHE A 6 -11.14 -11.56 4.98
C PHE A 6 -10.14 -11.11 3.93
N SER A 7 -10.65 -10.62 2.80
CA SER A 7 -9.81 -10.21 1.69
C SER A 7 -9.02 -8.95 2.00
N HIS A 8 -7.78 -8.91 1.52
CA HIS A 8 -6.92 -7.76 1.68
C HIS A 8 -7.08 -6.79 0.51
N MET A 9 -7.83 -7.21 -0.50
CA MET A 9 -7.99 -6.42 -1.72
C MET A 9 -9.29 -5.62 -1.73
N SER A 10 -10.03 -5.69 -0.62
CA SER A 10 -11.28 -4.94 -0.50
C SER A 10 -11.12 -3.81 0.52
N SER A 11 -12.00 -2.83 0.43
CA SER A 11 -11.94 -1.68 1.34
C SER A 11 -13.27 -1.45 2.05
N ASP A 12 -13.25 -0.58 3.05
CA ASP A 12 -14.44 -0.28 3.83
C ASP A 12 -15.37 0.69 3.10
N THR A 13 -16.65 0.31 3.00
CA THR A 13 -17.65 1.16 2.37
C THR A 13 -18.72 1.60 3.36
N ASP A 14 -18.82 0.89 4.47
CA ASP A 14 -19.83 1.19 5.48
C ASP A 14 -19.60 2.54 6.16
N HIS A 15 -18.34 2.89 6.37
CA HIS A 15 -18.01 4.10 7.13
C HIS A 15 -17.42 5.20 6.26
N PHE A 16 -17.32 4.96 4.96
CA PHE A 16 -16.83 5.98 4.05
C PHE A 16 -17.87 7.09 3.89
N PRO A 17 -17.46 8.34 4.14
CA PRO A 17 -18.36 9.49 4.04
C PRO A 17 -18.67 9.81 2.58
N ILE A 18 -19.48 8.96 1.95
CA ILE A 18 -19.78 9.08 0.53
C ILE A 18 -20.63 10.32 0.22
N LYS A 19 -21.48 10.72 1.17
CA LYS A 19 -22.31 11.90 0.98
C LYS A 19 -21.48 13.17 1.06
N SER A 20 -20.47 13.16 1.93
CA SER A 20 -19.55 14.29 2.03
C SER A 20 -18.67 14.38 0.80
N TRP A 21 -18.27 13.22 0.28
CA TRP A 21 -17.46 13.15 -0.92
C TRP A 21 -18.18 13.75 -2.12
N PHE A 22 -19.49 13.46 -2.20
CA PHE A 22 -20.31 14.00 -3.28
C PHE A 22 -20.54 15.50 -3.11
N ARG A 23 -20.72 15.94 -1.87
CA ARG A 23 -20.91 17.35 -1.60
C ARG A 23 -19.63 18.13 -1.93
N CYS A 24 -18.48 17.51 -1.70
CA CYS A 24 -17.20 18.08 -2.09
C CYS A 24 -17.09 18.15 -3.60
N GLU A 25 -17.64 17.13 -4.28
CA GLU A 25 -17.63 17.09 -5.74
C GLU A 25 -18.46 18.21 -6.34
N GLN A 26 -19.62 18.47 -5.74
CA GLN A 26 -20.50 19.54 -6.20
C GLN A 26 -19.84 20.90 -6.07
N LYS A 27 -19.22 21.14 -4.91
CA LYS A 27 -18.54 22.40 -4.63
C LYS A 27 -17.37 22.64 -5.59
N ALA A 28 -16.58 21.59 -5.82
CA ALA A 28 -15.43 21.68 -6.70
C ALA A 28 -15.87 21.87 -8.16
N ALA A 29 -16.98 21.23 -8.53
CA ALA A 29 -17.48 21.32 -9.89
C ALA A 29 -18.00 22.72 -10.20
N SER A 30 -18.86 23.24 -9.34
CA SER A 30 -19.45 24.56 -9.54
C SER A 30 -18.41 25.68 -9.49
N ARG A 31 -17.24 25.36 -8.94
CA ARG A 31 -16.17 26.34 -8.81
C ARG A 31 -15.20 26.28 -9.99
N SER A 32 -14.97 25.08 -10.50
CA SER A 32 -14.01 24.88 -11.58
C SER A 32 -14.60 24.14 -12.77
N TYR A 33 -15.85 24.45 -13.11
CA TYR A 33 -16.55 23.75 -14.18
C TYR A 33 -15.93 24.00 -15.56
N ALA A 34 -15.54 25.25 -15.80
CA ALA A 34 -15.01 25.64 -17.12
C ALA A 34 -13.72 24.90 -17.48
N THR A 35 -13.00 24.44 -16.47
CA THR A 35 -11.73 23.74 -16.69
C THR A 35 -11.94 22.31 -17.16
N LEU A 36 -13.17 21.80 -17.00
CA LEU A 36 -13.48 20.43 -17.36
C LEU A 36 -13.50 20.22 -18.87
N GLY A 37 -13.54 21.31 -19.62
CA GLY A 37 -13.56 21.25 -21.07
C GLY A 37 -12.17 21.12 -21.68
N ASP A 38 -11.16 21.21 -20.83
CA ASP A 38 -9.78 21.05 -21.27
C ASP A 38 -9.15 19.84 -20.58
N MET A 39 -8.09 19.31 -21.17
CA MET A 39 -7.36 18.22 -20.53
C MET A 39 -6.54 18.76 -19.37
N SER A 40 -6.40 17.96 -18.33
CA SER A 40 -5.62 18.34 -17.16
C SER A 40 -4.14 18.46 -17.49
N HIS A 41 -3.43 19.22 -16.67
CA HIS A 41 -1.96 19.26 -16.73
C HIS A 41 -1.45 17.82 -16.59
N PRO A 42 -0.49 17.45 -17.46
CA PRO A 42 0.03 16.06 -17.53
C PRO A 42 0.45 15.48 -16.18
N GLN A 43 0.98 16.31 -15.28
CA GLN A 43 1.37 15.84 -13.96
C GLN A 43 0.19 15.82 -13.01
N GLY A 44 -0.95 16.36 -13.47
CA GLY A 44 -2.11 16.53 -12.62
C GLY A 44 -2.33 18.01 -12.33
N ILE A 45 -3.55 18.35 -11.93
CA ILE A 45 -3.90 19.74 -11.62
C ILE A 45 -3.05 20.27 -10.47
N TYR A 46 -2.48 21.45 -10.65
CA TYR A 46 -1.49 21.99 -9.71
C TYR A 46 -2.03 22.11 -8.28
N GLU A 47 -3.23 22.67 -8.14
CA GLU A 47 -3.83 22.85 -6.82
C GLU A 47 -4.04 21.51 -6.13
N VAL A 48 -4.38 20.49 -6.90
CA VAL A 48 -4.56 19.15 -6.37
C VAL A 48 -3.23 18.57 -5.90
N ARG A 49 -2.20 18.75 -6.72
CA ARG A 49 -0.85 18.33 -6.37
C ARG A 49 -0.36 19.05 -5.12
N ALA A 50 -0.66 20.34 -5.01
CA ALA A 50 -0.26 21.13 -3.85
C ALA A 50 -0.97 20.66 -2.60
N ALA A 51 -2.24 20.27 -2.74
CA ALA A 51 -3.04 19.79 -1.63
C ALA A 51 -2.48 18.47 -1.08
N ILE A 52 -2.05 17.60 -1.99
CA ILE A 52 -1.46 16.32 -1.60
C ILE A 52 -0.08 16.53 -1.00
N THR A 53 0.67 17.48 -1.56
CA THR A 53 2.02 17.80 -1.09
C THR A 53 2.03 18.21 0.38
N ARG A 54 1.13 19.11 0.76
CA ARG A 54 1.03 19.55 2.14
C ARG A 54 0.63 18.39 3.05
N LEU A 55 -0.28 17.55 2.56
CA LEU A 55 -0.79 16.42 3.33
C LEU A 55 0.28 15.40 3.70
N ILE A 56 1.04 14.95 2.70
CA ILE A 56 2.05 13.93 2.93
C ILE A 56 3.26 14.50 3.66
N SER A 57 3.43 15.82 3.60
CA SER A 57 4.50 16.48 4.34
CA SER A 57 4.50 16.48 4.34
C SER A 57 4.21 16.43 5.84
N LEU A 58 2.95 16.57 6.19
CA LEU A 58 2.52 16.55 7.59
C LEU A 58 2.50 15.13 8.15
N THR A 59 1.92 14.21 7.39
CA THR A 59 1.66 12.85 7.89
C THR A 59 2.87 11.93 7.78
N ARG A 60 3.68 12.09 6.74
CA ARG A 60 4.80 11.18 6.51
C ARG A 60 6.15 11.89 6.57
N GLY A 61 6.12 13.22 6.66
CA GLY A 61 7.35 13.99 6.74
C GLY A 61 8.04 14.17 5.40
N VAL A 62 7.35 13.77 4.34
CA VAL A 62 7.90 13.85 2.98
C VAL A 62 8.27 15.28 2.59
N LYS A 63 9.49 15.47 2.12
CA LYS A 63 9.95 16.77 1.64
C LYS A 63 9.84 16.85 0.12
N CYS A 64 8.98 17.73 -0.37
CA CYS A 64 8.84 17.90 -1.81
C CYS A 64 8.10 19.17 -2.19
N ARG A 65 8.18 19.53 -3.47
CA ARG A 65 7.40 20.62 -4.03
C ARG A 65 6.43 20.03 -5.05
N PRO A 66 5.27 20.69 -5.25
CA PRO A 66 4.23 20.19 -6.17
C PRO A 66 4.75 19.91 -7.59
N GLU A 67 5.80 20.60 -8.00
CA GLU A 67 6.39 20.40 -9.33
C GLU A 67 7.02 19.02 -9.47
N GLN A 68 7.31 18.38 -8.34
CA GLN A 68 7.95 17.07 -8.34
C GLN A 68 6.95 15.92 -8.35
N MET A 69 5.67 16.24 -8.14
CA MET A 69 4.64 15.21 -7.99
C MET A 69 3.97 14.87 -9.32
N ILE A 70 3.67 13.59 -9.50
CA ILE A 70 2.96 13.12 -10.69
C ILE A 70 1.77 12.23 -10.30
N ILE A 71 0.60 12.59 -10.83
CA ILE A 71 -0.64 11.83 -10.66
C ILE A 71 -0.97 11.20 -12.01
N GLY A 72 -1.43 9.94 -12.04
CA GLY A 72 -1.53 9.08 -10.87
C GLY A 72 -2.82 8.28 -10.80
N ALA A 73 -3.17 7.58 -11.87
CA ALA A 73 -4.38 6.76 -11.89
C ALA A 73 -4.08 5.31 -11.54
N GLY A 74 -3.25 5.10 -10.52
CA GLY A 74 -2.86 3.77 -10.11
C GLY A 74 -1.35 3.64 -9.99
N THR A 75 -0.91 2.87 -9.00
CA THR A 75 0.52 2.69 -8.74
C THR A 75 1.23 2.06 -9.94
N GLN A 76 0.55 1.11 -10.59
CA GLN A 76 1.15 0.37 -11.70
C GLN A 76 1.47 1.24 -12.91
N VAL A 77 0.56 2.17 -13.24
CA VAL A 77 0.77 3.03 -14.39
C VAL A 77 1.90 4.02 -14.10
N LEU A 78 2.04 4.40 -12.83
CA LEU A 78 3.13 5.27 -12.41
C LEU A 78 4.45 4.51 -12.37
N MET A 79 4.38 3.26 -11.94
CA MET A 79 5.55 2.39 -11.90
C MET A 79 6.02 2.11 -13.32
N GLN A 80 5.07 1.92 -14.22
CA GLN A 80 5.35 1.75 -15.64
C GLN A 80 6.13 2.95 -16.17
N LEU A 81 5.66 4.14 -15.84
CA LEU A 81 6.32 5.38 -16.23
C LEU A 81 7.71 5.48 -15.62
N LEU A 82 7.83 5.05 -14.37
CA LEU A 82 9.08 5.16 -13.63
C LEU A 82 10.18 4.29 -14.22
N THR A 83 9.81 3.10 -14.71
CA THR A 83 10.78 2.19 -15.32
C THR A 83 11.36 2.77 -16.60
N GLU A 84 10.63 3.69 -17.21
CA GLU A 84 11.05 4.29 -18.47
C GLU A 84 11.90 5.53 -18.23
N LEU A 85 11.92 6.03 -17.00
CA LEU A 85 12.75 7.16 -16.63
C LEU A 85 14.09 6.69 -16.09
N LEU A 86 14.05 5.66 -15.25
CA LEU A 86 15.25 5.02 -14.73
C LEU A 86 16.05 4.41 -15.87
N PRO A 87 17.36 4.15 -15.64
CA PRO A 87 18.20 3.50 -16.67
C PRO A 87 17.56 2.23 -17.23
N LYS A 88 17.66 2.05 -18.54
CA LYS A 88 17.00 0.92 -19.21
C LYS A 88 17.56 -0.42 -18.75
N GLU A 89 18.85 -0.46 -18.45
CA GLU A 89 19.51 -1.70 -18.04
C GLU A 89 19.62 -1.81 -16.52
N ALA A 90 18.79 -1.05 -15.82
CA ALA A 90 18.81 -1.08 -14.36
C ALA A 90 18.33 -2.42 -13.82
N VAL A 91 19.07 -2.97 -12.86
CA VAL A 91 18.67 -4.21 -12.20
C VAL A 91 17.80 -3.90 -11.00
N TYR A 92 16.60 -4.47 -10.99
CA TYR A 92 15.63 -4.19 -9.93
C TYR A 92 15.68 -5.25 -8.83
N ALA A 93 15.36 -4.82 -7.61
CA ALA A 93 15.30 -5.73 -6.47
C ALA A 93 13.99 -5.55 -5.73
N MET A 94 13.28 -6.65 -5.52
CA MET A 94 12.02 -6.61 -4.80
C MET A 94 12.05 -7.51 -3.57
N GLU A 95 11.19 -7.20 -2.61
CA GLU A 95 11.09 -7.98 -1.39
C GLU A 95 10.49 -9.35 -1.67
N GLU A 96 11.00 -10.37 -1.00
CA GLU A 96 10.52 -11.74 -1.14
C GLU A 96 10.05 -12.26 0.21
N PRO A 97 8.72 -12.44 0.37
CA PRO A 97 7.66 -12.24 -0.62
C PRO A 97 7.32 -10.77 -0.84
N GLY A 98 6.55 -10.49 -1.89
CA GLY A 98 6.16 -9.13 -2.21
C GLY A 98 4.99 -9.03 -3.17
N TYR A 99 4.88 -7.88 -3.82
CA TYR A 99 3.80 -7.61 -4.76
C TYR A 99 4.07 -8.29 -6.10
N ARG A 100 3.35 -9.39 -6.37
CA ARG A 100 3.61 -10.17 -7.58
C ARG A 100 3.21 -9.45 -8.86
N ARG A 101 2.16 -8.62 -8.78
CA ARG A 101 1.75 -7.82 -9.94
C ARG A 101 2.87 -6.92 -10.42
N MET A 102 3.53 -6.26 -9.47
CA MET A 102 4.64 -5.36 -9.79
C MET A 102 5.84 -6.15 -10.28
N TYR A 103 6.01 -7.36 -9.76
CA TYR A 103 7.07 -8.25 -10.20
C TYR A 103 6.85 -8.67 -11.65
N GLN A 104 5.62 -9.09 -11.96
CA GLN A 104 5.28 -9.53 -13.30
C GLN A 104 5.37 -8.39 -14.31
N LEU A 105 5.08 -7.18 -13.86
CA LEU A 105 5.21 -5.99 -14.70
C LEU A 105 6.66 -5.78 -15.11
N LEU A 106 7.56 -5.83 -14.13
CA LEU A 106 8.98 -5.63 -14.38
C LEU A 106 9.55 -6.72 -15.27
N LYS A 107 9.14 -7.96 -15.04
CA LYS A 107 9.58 -9.09 -15.86
C LYS A 107 9.09 -8.94 -17.30
N ASN A 108 7.86 -8.47 -17.44
CA ASN A 108 7.26 -8.31 -18.76
C ASN A 108 7.87 -7.13 -19.52
N ALA A 109 8.51 -6.24 -18.77
CA ALA A 109 9.17 -5.07 -19.37
C ALA A 109 10.61 -5.40 -19.75
N GLY A 110 10.98 -6.67 -19.65
CA GLY A 110 12.30 -7.13 -20.03
C GLY A 110 13.38 -6.77 -19.03
N LYS A 111 12.96 -6.42 -17.81
CA LYS A 111 13.91 -6.04 -16.77
C LYS A 111 14.36 -7.25 -15.96
N GLN A 112 15.61 -7.22 -15.49
CA GLN A 112 16.09 -8.24 -14.59
C GLN A 112 15.68 -7.90 -13.16
N VAL A 113 15.00 -8.84 -12.50
CA VAL A 113 14.50 -8.60 -11.16
C VAL A 113 15.05 -9.61 -10.17
N LYS A 114 15.80 -9.12 -9.18
CA LYS A 114 16.32 -9.97 -8.12
C LYS A 114 15.39 -9.94 -6.92
N THR A 115 15.34 -11.05 -6.18
CA THR A 115 14.47 -11.14 -5.02
C THR A 115 15.27 -11.10 -3.73
N ILE A 116 14.79 -10.29 -2.78
CA ILE A 116 15.49 -10.11 -1.52
C ILE A 116 14.68 -10.64 -0.34
N MET A 117 15.26 -11.56 0.41
CA MET A 117 14.59 -12.13 1.57
C MET A 117 14.45 -11.10 2.68
N LEU A 118 13.67 -11.43 3.70
CA LEU A 118 13.42 -10.51 4.80
C LEU A 118 13.93 -11.06 6.13
N ASP A 119 14.37 -10.16 7.02
CA ASP A 119 14.62 -10.52 8.41
C ASP A 119 13.60 -9.80 9.28
N GLU A 120 13.90 -9.69 10.58
CA GLU A 120 12.95 -9.08 11.51
C GLU A 120 12.89 -7.56 11.36
N LYS A 121 13.80 -7.00 10.57
CA LYS A 121 13.81 -5.57 10.31
C LYS A 121 13.33 -5.25 8.90
N GLY A 122 12.89 -6.28 8.19
CA GLY A 122 12.37 -6.10 6.84
C GLY A 122 13.35 -6.50 5.77
N MET A 123 13.37 -5.75 4.68
CA MET A 123 14.24 -6.02 3.53
C MET A 123 15.71 -6.10 3.96
N SER A 124 16.33 -7.24 3.68
CA SER A 124 17.70 -7.52 4.13
C SER A 124 18.75 -6.70 3.38
N ILE A 125 19.48 -5.87 4.13
CA ILE A 125 20.57 -5.07 3.55
C ILE A 125 21.74 -5.99 3.18
N ALA A 126 21.88 -7.10 3.90
CA ALA A 126 22.95 -8.05 3.63
C ALA A 126 22.77 -8.73 2.28
N GLU A 127 21.52 -9.02 1.92
CA GLU A 127 21.22 -9.65 0.63
C GLU A 127 21.31 -8.65 -0.51
N ILE A 128 20.97 -7.39 -0.24
CA ILE A 128 21.10 -6.33 -1.21
C ILE A 128 22.57 -6.09 -1.53
N THR A 129 23.40 -6.12 -0.49
CA THR A 129 24.84 -5.95 -0.64
C THR A 129 25.44 -7.08 -1.47
N ARG A 130 24.89 -8.28 -1.29
CA ARG A 130 25.41 -9.47 -1.95
C ARG A 130 25.03 -9.56 -3.42
N GLN A 131 23.79 -9.21 -3.74
CA GLN A 131 23.27 -9.37 -5.09
C GLN A 131 23.53 -8.14 -5.96
N GLN A 132 23.82 -7.01 -5.31
CA GLN A 132 24.19 -5.77 -5.98
C GLN A 132 23.19 -5.33 -7.06
N PRO A 133 22.00 -4.90 -6.66
CA PRO A 133 21.03 -4.37 -7.63
C PRO A 133 21.22 -2.88 -7.89
N ASP A 134 20.41 -2.32 -8.76
CA ASP A 134 20.46 -0.89 -9.05
C ASP A 134 19.31 -0.16 -8.39
N VAL A 135 18.12 -0.75 -8.46
CA VAL A 135 16.90 -0.13 -7.93
C VAL A 135 16.24 -1.01 -6.88
N LEU A 136 15.94 -0.42 -5.72
CA LEU A 136 15.24 -1.15 -4.67
C LEU A 136 13.76 -0.80 -4.66
N VAL A 137 12.92 -1.81 -4.44
CA VAL A 137 11.49 -1.59 -4.24
C VAL A 137 11.10 -2.12 -2.87
N THR A 138 10.65 -1.23 -2.00
CA THR A 138 10.40 -1.61 -0.61
C THR A 138 9.10 -1.02 -0.07
N THR A 139 8.57 -1.65 0.98
CA THR A 139 7.34 -1.20 1.64
C THR A 139 7.55 -1.07 3.15
N PRO A 140 8.10 0.08 3.58
CA PRO A 140 8.56 0.32 4.96
C PRO A 140 7.46 0.34 6.03
N SER A 141 6.35 1.01 5.77
CA SER A 141 5.31 1.20 6.78
C SER A 141 4.66 -0.12 7.21
N HIS A 142 4.49 -1.02 6.25
CA HIS A 142 3.85 -2.30 6.49
C HIS A 142 4.19 -3.22 5.32
N GLN A 143 5.17 -4.09 5.52
CA GLN A 143 5.70 -4.92 4.43
C GLN A 143 4.60 -5.77 3.80
N PHE A 144 4.45 -5.62 2.49
CA PHE A 144 3.49 -6.41 1.74
C PHE A 144 4.16 -7.70 1.29
N PRO A 145 3.68 -8.85 1.80
CA PRO A 145 2.54 -9.01 2.70
C PRO A 145 2.87 -9.32 4.16
N SER A 146 4.14 -9.52 4.50
CA SER A 146 4.52 -10.02 5.82
C SER A 146 4.11 -9.08 6.97
N GLY A 147 3.99 -7.80 6.67
CA GLY A 147 3.51 -6.84 7.66
C GLY A 147 4.57 -6.29 8.60
N THR A 148 5.83 -6.62 8.34
CA THR A 148 6.93 -6.12 9.16
C THR A 148 7.14 -4.62 8.95
N ILE A 149 7.18 -3.88 10.05
CA ILE A 149 7.48 -2.46 10.01
C ILE A 149 8.98 -2.22 10.04
N MET A 150 9.52 -1.69 8.95
CA MET A 150 10.96 -1.43 8.84
C MET A 150 11.39 -0.33 9.81
N PRO A 151 12.23 -0.68 10.79
CA PRO A 151 12.72 0.29 11.78
C PRO A 151 13.65 1.32 11.14
N VAL A 152 13.92 2.40 11.86
CA VAL A 152 14.75 3.48 11.34
C VAL A 152 16.16 3.01 11.01
N SER A 153 16.69 2.11 11.85
CA SER A 153 18.05 1.60 11.66
C SER A 153 18.23 0.93 10.30
N ARG A 154 17.23 0.15 9.90
CA ARG A 154 17.25 -0.51 8.60
C ARG A 154 17.01 0.51 7.48
N ARG A 155 16.13 1.47 7.77
CA ARG A 155 15.86 2.55 6.83
C ARG A 155 17.13 3.35 6.54
N ILE A 156 17.91 3.62 7.59
CA ILE A 156 19.18 4.33 7.44
C ILE A 156 20.18 3.51 6.61
N GLN A 157 20.20 2.20 6.85
CA GLN A 157 21.10 1.30 6.12
C GLN A 157 20.83 1.31 4.61
N LEU A 158 19.55 1.33 4.24
CA LEU A 158 19.19 1.36 2.82
C LEU A 158 19.57 2.70 2.20
N LEU A 159 19.41 3.77 2.95
CA LEU A 159 19.78 5.11 2.49
C LEU A 159 21.27 5.24 2.25
N ASN A 160 22.06 4.61 3.12
CA ASN A 160 23.51 4.63 3.00
C ASN A 160 23.98 3.88 1.76
N TRP A 161 23.34 2.74 1.50
CA TRP A 161 23.64 1.93 0.32
C TRP A 161 23.41 2.72 -0.96
N ALA A 162 22.29 3.45 -1.00
CA ALA A 162 21.91 4.21 -2.19
C ALA A 162 22.80 5.43 -2.40
N ALA A 163 23.44 5.89 -1.32
CA ALA A 163 24.20 7.14 -1.36
C ALA A 163 25.69 6.92 -1.62
N GLU A 164 26.19 5.72 -1.34
CA GLU A 164 27.62 5.47 -1.42
C GLU A 164 28.10 5.15 -2.84
N GLU A 165 27.15 4.96 -3.76
CA GLU A 165 27.49 4.72 -5.16
C GLU A 165 26.48 5.42 -6.09
N PRO A 166 26.98 5.93 -7.23
CA PRO A 166 26.13 6.63 -8.20
C PRO A 166 25.10 5.71 -8.85
N ALA A 167 24.02 6.30 -9.38
CA ALA A 167 23.00 5.57 -10.12
C ALA A 167 22.33 4.47 -9.29
N ARG A 168 22.11 4.73 -8.00
CA ARG A 168 21.34 3.81 -7.16
C ARG A 168 20.06 4.49 -6.70
N TYR A 169 18.95 3.75 -6.76
CA TYR A 169 17.64 4.33 -6.46
C TYR A 169 16.84 3.49 -5.48
N ILE A 170 16.05 4.17 -4.65
CA ILE A 170 15.12 3.51 -3.75
C ILE A 170 13.69 3.93 -4.05
N ILE A 171 12.86 2.97 -4.45
CA ILE A 171 11.44 3.24 -4.67
C ILE A 171 10.65 2.91 -3.41
N GLU A 172 10.29 3.94 -2.65
CA GLU A 172 9.52 3.74 -1.44
C GLU A 172 8.03 3.63 -1.74
N ASP A 173 7.55 2.39 -1.77
CA ASP A 173 6.12 2.12 -1.95
C ASP A 173 5.43 2.20 -0.60
N ASP A 174 4.91 3.38 -0.27
CA ASP A 174 4.35 3.62 1.06
C ASP A 174 2.88 3.20 1.13
N TYR A 175 2.57 2.06 0.51
CA TYR A 175 1.23 1.49 0.54
C TYR A 175 0.84 1.08 1.96
N ASP A 176 -0.42 1.31 2.31
CA ASP A 176 -0.97 0.92 3.61
C ASP A 176 -0.22 1.57 4.77
N SER A 177 -0.03 2.88 4.69
CA SER A 177 0.80 3.60 5.66
C SER A 177 0.01 4.50 6.60
N GLU A 178 -1.31 4.55 6.42
CA GLU A 178 -2.13 5.46 7.20
C GLU A 178 -2.28 5.05 8.66
N PHE A 179 -2.16 3.76 8.94
CA PHE A 179 -2.54 3.26 10.26
C PHE A 179 -1.47 2.42 10.97
N THR A 180 -1.32 2.66 12.27
CA THR A 180 -0.48 1.84 13.15
C THR A 180 -1.26 1.48 14.41
N TYR A 181 -0.81 0.46 15.13
CA TYR A 181 -1.53 0.01 16.32
C TYR A 181 -0.60 -0.19 17.52
N ASP A 182 -0.77 0.66 18.54
CA ASP A 182 0.04 0.64 19.76
C ASP A 182 1.53 0.72 19.51
N VAL A 183 1.90 1.29 18.35
CA VAL A 183 3.27 1.64 18.06
C VAL A 183 3.25 2.99 17.35
N GLU A 184 4.34 3.74 17.47
CA GLU A 184 4.38 5.07 16.90
C GLU A 184 4.66 5.06 15.41
N SER A 185 4.21 6.10 14.72
CA SER A 185 4.48 6.28 13.31
C SER A 185 5.97 6.52 13.08
N ILE A 186 6.47 6.08 11.94
CA ILE A 186 7.87 6.27 11.58
C ILE A 186 7.97 7.04 10.27
N PRO A 187 8.78 8.12 10.26
CA PRO A 187 9.02 8.95 9.07
C PRO A 187 9.41 8.13 7.85
N ALA A 188 8.99 8.58 6.67
CA ALA A 188 9.28 7.88 5.44
C ALA A 188 10.77 7.88 5.13
N LEU A 189 11.20 6.91 4.34
CA LEU A 189 12.58 6.81 3.87
C LEU A 189 13.02 8.09 3.18
N GLN A 190 12.10 8.69 2.42
CA GLN A 190 12.37 9.90 1.66
C GLN A 190 12.68 11.08 2.58
N SER A 191 12.10 11.07 3.77
CA SER A 191 12.29 12.17 4.72
C SER A 191 13.60 12.03 5.49
N LEU A 192 14.06 10.80 5.69
CA LEU A 192 15.28 10.54 6.44
C LEU A 192 16.51 10.66 5.54
N ASP A 193 16.28 10.76 4.24
CA ASP A 193 17.37 10.83 3.28
C ASP A 193 18.07 12.18 3.31
N ARG A 194 19.39 12.17 3.47
CA ARG A 194 20.18 13.40 3.46
C ARG A 194 20.51 13.78 2.02
N PHE A 195 20.16 12.92 1.09
CA PHE A 195 20.34 13.19 -0.33
C PHE A 195 19.00 13.06 -1.07
N GLN A 196 19.05 12.76 -2.36
CA GLN A 196 17.83 12.65 -3.16
C GLN A 196 17.86 11.42 -4.05
N ASN A 197 17.88 10.23 -3.44
CA ASN A 197 17.90 8.99 -4.20
C ASN A 197 16.64 8.15 -3.96
N VAL A 198 15.59 8.79 -3.45
CA VAL A 198 14.36 8.08 -3.13
C VAL A 198 13.17 8.59 -3.94
N ILE A 199 12.46 7.65 -4.58
CA ILE A 199 11.19 7.97 -5.23
C ILE A 199 10.04 7.54 -4.30
N TYR A 200 9.28 8.52 -3.84
CA TYR A 200 8.17 8.24 -2.92
C TYR A 200 6.87 8.02 -3.68
N MET A 201 6.25 6.86 -3.44
CA MET A 201 4.97 6.54 -4.08
C MET A 201 3.88 6.31 -3.04
N GLY A 202 2.71 6.87 -3.31
CA GLY A 202 1.58 6.73 -2.39
C GLY A 202 0.28 6.48 -3.13
N THR A 203 -0.77 6.17 -2.36
CA THR A 203 -2.08 5.90 -2.94
C THR A 203 -3.19 6.30 -1.97
N PHE A 204 -4.39 6.48 -2.50
CA PHE A 204 -5.55 6.81 -1.67
C PHE A 204 -6.55 5.66 -1.62
N SER A 205 -6.16 4.51 -2.19
CA SER A 205 -7.04 3.35 -2.30
C SER A 205 -7.53 2.81 -0.95
N LYS A 206 -6.68 2.86 0.07
CA LYS A 206 -7.03 2.30 1.36
C LYS A 206 -7.68 3.33 2.29
N SER A 207 -7.31 4.60 2.12
CA SER A 207 -7.89 5.67 2.94
C SER A 207 -9.23 6.11 2.38
N LEU A 208 -9.36 6.06 1.05
CA LEU A 208 -10.63 6.38 0.40
C LEU A 208 -11.27 5.12 -0.16
N LEU A 209 -11.40 5.04 -1.48
CA LEU A 209 -11.95 3.86 -2.15
C LEU A 209 -11.06 3.47 -3.32
N PRO A 210 -10.85 2.16 -3.52
CA PRO A 210 -9.97 1.67 -4.60
C PRO A 210 -10.54 1.97 -5.99
N GLY A 211 -11.86 2.18 -6.07
CA GLY A 211 -12.50 2.47 -7.33
C GLY A 211 -12.30 3.90 -7.81
N LEU A 212 -11.82 4.75 -6.90
CA LEU A 212 -11.59 6.16 -7.23
C LEU A 212 -10.39 6.33 -8.16
N ARG A 213 -9.41 5.46 -8.01
CA ARG A 213 -8.21 5.46 -8.87
C ARG A 213 -7.40 6.76 -8.78
N ILE A 214 -6.83 7.04 -7.62
CA ILE A 214 -5.89 8.14 -7.48
C ILE A 214 -4.61 7.70 -6.77
N SER A 215 -3.50 7.80 -7.48
CA SER A 215 -2.19 7.56 -6.88
C SER A 215 -1.28 8.74 -7.18
N TYR A 216 -0.05 8.68 -6.71
CA TYR A 216 0.91 9.74 -6.93
C TYR A 216 2.32 9.26 -6.65
N MET A 217 3.31 9.93 -7.23
CA MET A 217 4.70 9.67 -6.91
C MET A 217 5.50 10.97 -6.98
N VAL A 218 6.58 11.02 -6.19
CA VAL A 218 7.42 12.20 -6.11
C VAL A 218 8.80 11.91 -6.68
N LEU A 219 9.17 12.63 -7.73
CA LEU A 219 10.42 12.38 -8.43
C LEU A 219 11.58 13.20 -7.89
N PRO A 220 12.78 12.60 -7.84
CA PRO A 220 14.03 13.34 -7.61
C PRO A 220 14.29 14.28 -8.77
N PRO A 221 14.99 15.40 -8.52
CA PRO A 221 15.23 16.46 -9.51
C PRO A 221 15.68 15.96 -10.89
N GLU A 222 16.61 15.02 -10.93
CA GLU A 222 17.13 14.53 -12.21
C GLU A 222 16.11 13.67 -12.93
N LEU A 223 15.38 12.84 -12.18
CA LEU A 223 14.34 12.02 -12.77
C LEU A 223 13.17 12.87 -13.25
N LEU A 224 12.90 13.96 -12.54
CA LEU A 224 11.88 14.91 -12.95
C LEU A 224 12.29 15.59 -14.25
N ARG A 225 13.59 15.86 -14.38
CA ARG A 225 14.15 16.48 -15.56
C ARG A 225 13.98 15.57 -16.78
N ALA A 226 14.11 14.27 -16.55
CA ALA A 226 13.97 13.29 -17.61
C ALA A 226 12.51 13.14 -18.04
N TYR A 227 11.60 13.35 -17.09
CA TYR A 227 10.17 13.25 -17.38
C TYR A 227 9.69 14.40 -18.26
N LYS A 228 10.18 15.61 -17.97
CA LYS A 228 9.75 16.81 -18.67
C LYS A 228 10.25 16.88 -20.11
N GLN A 229 11.25 16.06 -20.44
CA GLN A 229 11.83 16.06 -21.78
C GLN A 229 11.01 15.17 -22.73
N ARG A 230 9.99 14.53 -22.18
CA ARG A 230 9.10 13.69 -22.97
C ARG A 230 8.11 14.53 -23.76
N GLY A 231 7.27 15.27 -23.05
CA GLY A 231 6.35 16.21 -23.66
C GLY A 231 5.19 15.60 -24.42
N TYR A 232 4.95 14.31 -24.23
CA TYR A 232 3.84 13.66 -24.92
C TYR A 232 2.88 12.93 -23.96
N ASP A 233 3.22 12.91 -22.68
CA ASP A 233 2.38 12.25 -21.69
C ASP A 233 1.07 12.99 -21.46
N LEU A 234 0.03 12.23 -21.14
CA LEU A 234 -1.26 12.81 -20.77
C LEU A 234 -1.68 12.31 -19.39
N GLN A 235 -2.37 13.15 -18.64
CA GLN A 235 -2.85 12.79 -17.32
C GLN A 235 -3.87 11.66 -17.41
N THR A 236 -3.74 10.66 -16.55
CA THR A 236 -4.61 9.49 -16.59
C THR A 236 -5.71 9.50 -15.52
N CYS A 237 -5.46 10.22 -14.43
CA CYS A 237 -6.46 10.32 -13.37
C CYS A 237 -7.52 11.36 -13.74
N SER A 238 -8.78 11.03 -13.47
CA SER A 238 -9.92 11.88 -13.82
C SER A 238 -9.82 13.26 -13.18
N SER A 239 -10.18 14.28 -13.95
CA SER A 239 -10.11 15.66 -13.47
C SER A 239 -11.14 15.93 -12.36
N LEU A 240 -12.32 15.35 -12.50
CA LEU A 240 -13.36 15.50 -11.48
C LEU A 240 -12.93 14.88 -10.16
N THR A 241 -12.27 13.73 -10.23
CA THR A 241 -11.80 13.04 -9.04
C THR A 241 -10.67 13.82 -8.37
N GLN A 242 -9.82 14.45 -9.18
CA GLN A 242 -8.75 15.29 -8.67
C GLN A 242 -9.30 16.47 -7.88
N LEU A 243 -10.22 17.21 -8.49
CA LEU A 243 -10.78 18.40 -7.88
C LEU A 243 -11.63 18.07 -6.66
N THR A 244 -12.25 16.89 -6.67
CA THR A 244 -13.03 16.42 -5.53
C THR A 244 -12.10 16.08 -4.36
N LEU A 245 -10.98 15.44 -4.68
CA LEU A 245 -9.98 15.11 -3.68
C LEU A 245 -9.41 16.37 -3.02
N GLN A 246 -9.17 17.39 -3.83
CA GLN A 246 -8.64 18.66 -3.33
C GLN A 246 -9.59 19.28 -2.31
N GLU A 247 -10.87 19.33 -2.66
CA GLU A 247 -11.89 19.89 -1.78
C GLU A 247 -12.04 19.05 -0.52
N PHE A 248 -12.04 17.73 -0.71
CA PHE A 248 -12.15 16.78 0.39
C PHE A 248 -11.03 17.00 1.42
N ILE A 249 -9.83 17.24 0.92
CA ILE A 249 -8.67 17.49 1.78
C ILE A 249 -8.73 18.87 2.43
N GLU A 250 -8.91 19.90 1.62
CA GLU A 250 -8.82 21.28 2.08
C GLU A 250 -9.98 21.71 2.96
N SER A 251 -11.13 21.06 2.81
CA SER A 251 -12.29 21.35 3.66
C SER A 251 -12.11 20.74 5.04
N GLY A 252 -11.13 19.85 5.17
CA GLY A 252 -10.86 19.17 6.43
C GLY A 252 -11.61 17.87 6.57
N GLU A 253 -12.28 17.44 5.50
CA GLU A 253 -13.04 16.21 5.51
C GLU A 253 -12.14 14.99 5.59
N TYR A 254 -10.98 15.07 4.93
CA TYR A 254 -10.05 13.95 4.91
C TYR A 254 -9.50 13.65 6.30
N GLN A 255 -8.99 14.68 6.97
CA GLN A 255 -8.42 14.52 8.31
C GLN A 255 -9.49 14.02 9.29
N LYS A 256 -10.71 14.51 9.12
CA LYS A 256 -11.83 14.08 9.94
C LYS A 256 -12.15 12.60 9.70
N HIS A 257 -12.01 12.17 8.45
CA HIS A 257 -12.26 10.79 8.08
C HIS A 257 -11.18 9.86 8.65
N ILE A 258 -9.93 10.25 8.49
CA ILE A 258 -8.80 9.46 8.98
C ILE A 258 -8.85 9.30 10.50
N LYS A 259 -9.18 10.38 11.20
CA LYS A 259 -9.28 10.37 12.65
C LYS A 259 -10.33 9.37 13.14
N LYS A 260 -11.45 9.32 12.42
CA LYS A 260 -12.54 8.41 12.75
C LYS A 260 -12.15 6.95 12.49
N MET A 261 -11.43 6.71 11.39
CA MET A 261 -11.13 5.35 10.96
C MET A 261 -10.02 4.69 11.76
N LYS A 262 -9.07 5.47 12.28
CA LYS A 262 -8.01 4.90 13.10
C LYS A 262 -8.59 4.27 14.36
N GLN A 263 -9.62 4.91 14.91
CA GLN A 263 -10.29 4.38 16.08
CA GLN A 263 -10.29 4.37 16.08
C GLN A 263 -11.14 3.17 15.70
N HIS A 264 -11.80 3.25 14.55
CA HIS A 264 -12.62 2.16 14.05
C HIS A 264 -11.77 0.93 13.77
N TYR A 265 -10.69 1.13 13.01
CA TYR A 265 -9.79 0.04 12.63
C TYR A 265 -9.09 -0.55 13.85
N LYS A 266 -8.77 0.28 14.83
CA LYS A 266 -8.12 -0.18 16.05
C LYS A 266 -9.02 -1.12 16.84
N GLU A 267 -10.28 -0.71 17.02
CA GLU A 267 -11.24 -1.52 17.75
C GLU A 267 -11.56 -2.81 17.03
N LYS A 268 -11.73 -2.74 15.71
CA LYS A 268 -12.10 -3.91 14.92
C LYS A 268 -10.97 -4.93 14.91
N ARG A 269 -9.73 -4.46 14.74
CA ARG A 269 -8.57 -5.34 14.76
CA ARG A 269 -8.56 -5.32 14.76
C ARG A 269 -8.46 -6.05 16.11
N GLU A 270 -8.69 -5.31 17.18
CA GLU A 270 -8.63 -5.85 18.53
C GLU A 270 -9.64 -6.97 18.72
N ARG A 271 -10.87 -6.73 18.27
CA ARG A 271 -11.94 -7.72 18.37
C ARG A 271 -11.64 -8.97 17.54
N LEU A 272 -11.11 -8.76 16.33
CA LEU A 272 -10.79 -9.86 15.43
C LEU A 272 -9.69 -10.75 16.00
N ILE A 273 -8.63 -10.12 16.51
CA ILE A 273 -7.53 -10.87 17.11
C ILE A 273 -8.02 -11.62 18.36
N THR A 274 -8.84 -10.95 19.16
CA THR A 274 -9.42 -11.55 20.35
C THR A 274 -10.29 -12.76 19.99
N ALA A 275 -11.07 -12.61 18.92
CA ALA A 275 -11.96 -13.68 18.46
C ALA A 275 -11.16 -14.85 17.90
N LEU A 276 -10.08 -14.53 17.19
CA LEU A 276 -9.20 -15.55 16.62
C LEU A 276 -8.61 -16.49 17.67
N GLU A 277 -7.98 -15.91 18.69
CA GLU A 277 -7.34 -16.73 19.72
C GLU A 277 -8.36 -17.47 20.57
N ALA A 278 -9.57 -16.93 20.65
CA ALA A 278 -10.64 -17.57 21.42
C ALA A 278 -11.13 -18.83 20.73
N GLU A 279 -11.46 -18.71 19.45
CA GLU A 279 -11.97 -19.82 18.67
C GLU A 279 -10.92 -20.92 18.47
N PHE A 280 -9.70 -20.50 18.18
CA PHE A 280 -8.61 -21.44 17.94
C PHE A 280 -7.93 -21.89 19.22
N SER A 281 -8.42 -21.39 20.36
CA SER A 281 -7.86 -21.70 21.68
C SER A 281 -6.37 -21.42 21.74
N GLY A 282 -5.93 -20.35 21.08
CA GLY A 282 -4.54 -19.94 21.10
C GLY A 282 -3.66 -20.69 20.12
N GLU A 283 -4.27 -21.48 19.23
CA GLU A 283 -3.51 -22.27 18.27
C GLU A 283 -3.39 -21.55 16.93
N VAL A 284 -3.31 -20.23 16.97
CA VAL A 284 -3.09 -19.44 15.77
C VAL A 284 -2.03 -18.37 16.02
N THR A 285 -1.05 -18.30 15.14
CA THR A 285 0.04 -17.33 15.27
C THR A 285 -0.20 -16.11 14.39
N VAL A 286 -0.37 -14.97 15.02
CA VAL A 286 -0.62 -13.72 14.30
C VAL A 286 0.67 -12.92 14.10
N LYS A 287 0.93 -12.51 12.86
CA LYS A 287 2.14 -11.77 12.54
C LYS A 287 1.84 -10.50 11.74
N GLY A 288 2.68 -9.48 11.92
CA GLY A 288 2.56 -8.23 11.18
C GLY A 288 1.26 -7.49 11.45
N ALA A 289 0.90 -7.37 12.73
CA ALA A 289 -0.38 -6.76 13.11
C ALA A 289 -0.22 -5.40 13.76
N ASN A 290 0.95 -4.78 13.61
CA ASN A 290 1.21 -3.49 14.25
C ASN A 290 0.88 -2.31 13.35
N ALA A 291 0.56 -2.58 12.09
CA ALA A 291 0.18 -1.53 11.15
C ALA A 291 -0.59 -2.11 9.97
N GLY A 292 -0.97 -1.24 9.04
CA GLY A 292 -1.69 -1.66 7.85
C GLY A 292 -3.11 -2.11 8.13
N LEU A 293 -3.75 -2.67 7.12
CA LEU A 293 -5.13 -3.11 7.25
C LEU A 293 -5.25 -4.62 7.07
N HIS A 294 -4.15 -5.32 7.28
CA HIS A 294 -4.14 -6.79 7.28
C HIS A 294 -3.02 -7.33 8.14
N PHE A 295 -3.16 -8.58 8.57
CA PHE A 295 -2.07 -9.29 9.22
C PHE A 295 -1.99 -10.72 8.73
N VAL A 296 -1.02 -11.48 9.23
CA VAL A 296 -0.76 -12.83 8.75
C VAL A 296 -1.04 -13.87 9.83
N THR A 297 -1.70 -14.96 9.45
CA THR A 297 -2.01 -16.03 10.39
C THR A 297 -1.43 -17.36 9.94
N GLU A 298 -0.63 -17.98 10.80
CA GLU A 298 -0.07 -19.30 10.53
C GLU A 298 -0.78 -20.37 11.36
N PHE A 299 -0.91 -21.57 10.81
CA PHE A 299 -1.67 -22.62 11.46
C PHE A 299 -0.90 -23.94 11.55
N ASP A 300 -0.90 -24.53 12.74
CA ASP A 300 -0.34 -25.86 12.93
C ASP A 300 -1.40 -26.91 12.59
N THR A 301 -1.53 -27.22 11.30
CA THR A 301 -2.55 -28.18 10.86
C THR A 301 -2.00 -29.16 9.83
N ARG A 302 -2.65 -30.31 9.73
CA ARG A 302 -2.24 -31.35 8.79
C ARG A 302 -2.68 -31.01 7.37
N ARG A 303 -3.55 -30.02 7.24
CA ARG A 303 -4.06 -29.60 5.94
C ARG A 303 -3.09 -28.69 5.22
N THR A 304 -3.11 -28.76 3.89
CA THR A 304 -2.26 -27.90 3.07
C THR A 304 -2.93 -26.56 2.87
N GLU A 305 -2.19 -25.63 2.27
CA GLU A 305 -2.77 -24.32 2.02
C GLU A 305 -3.97 -24.35 1.06
N GLN A 306 -3.96 -25.15 -0.02
CA GLN A 306 -5.09 -25.04 -0.96
C GLN A 306 -6.26 -25.85 -0.39
N ASP A 307 -6.02 -26.81 0.51
CA ASP A 307 -7.15 -27.56 1.08
C ASP A 307 -7.95 -26.60 1.95
N ILE A 308 -7.23 -25.70 2.62
CA ILE A 308 -7.87 -24.69 3.45
C ILE A 308 -8.62 -23.68 2.59
N LEU A 309 -7.97 -23.19 1.54
CA LEU A 309 -8.57 -22.22 0.64
C LEU A 309 -9.81 -22.79 -0.04
N SER A 310 -9.77 -24.08 -0.36
CA SER A 310 -10.89 -24.76 -1.01
CA SER A 310 -10.89 -24.76 -1.01
C SER A 310 -12.11 -24.82 -0.09
N HIS A 311 -11.90 -25.26 1.14
CA HIS A 311 -12.97 -25.38 2.12
C HIS A 311 -13.56 -24.01 2.48
N ALA A 312 -12.70 -22.99 2.50
CA ALA A 312 -13.15 -21.63 2.81
C ALA A 312 -14.13 -21.14 1.76
N ALA A 313 -13.90 -21.53 0.51
CA ALA A 313 -14.77 -21.15 -0.59
C ALA A 313 -16.15 -21.77 -0.43
N GLY A 314 -16.19 -23.05 -0.06
CA GLY A 314 -17.44 -23.75 0.15
C GLY A 314 -18.18 -23.22 1.38
N LEU A 315 -17.43 -22.62 2.29
CA LEU A 315 -18.01 -22.02 3.49
C LEU A 315 -18.32 -20.55 3.29
N GLN A 316 -18.23 -20.11 2.03
CA GLN A 316 -18.50 -18.72 1.66
C GLN A 316 -17.60 -17.73 2.41
N LEU A 317 -16.34 -18.09 2.56
CA LEU A 317 -15.36 -17.21 3.20
C LEU A 317 -14.29 -16.80 2.20
N GLU A 318 -14.25 -15.51 1.88
CA GLU A 318 -13.25 -14.99 0.95
C GLU A 318 -11.92 -14.76 1.67
N ILE A 319 -10.89 -15.48 1.23
CA ILE A 319 -9.58 -15.43 1.87
C ILE A 319 -8.49 -15.79 0.87
N PHE A 320 -7.26 -15.33 1.13
CA PHE A 320 -6.15 -15.62 0.25
C PHE A 320 -4.95 -16.21 1.00
N GLY A 321 -4.17 -17.02 0.31
CA GLY A 321 -3.01 -17.66 0.91
C GLY A 321 -1.74 -16.85 0.72
N MET A 322 -0.72 -17.15 1.51
CA MET A 322 0.52 -16.41 1.47
C MET A 322 1.40 -16.82 0.29
N SER A 323 1.10 -17.95 -0.31
CA SER A 323 1.85 -18.42 -1.48
C SER A 323 1.54 -17.56 -2.70
N ARG A 324 0.50 -16.73 -2.59
CA ARG A 324 0.14 -15.79 -3.64
C ARG A 324 1.23 -14.74 -3.86
N PHE A 325 2.06 -14.52 -2.83
CA PHE A 325 3.03 -13.44 -2.86
C PHE A 325 4.46 -13.93 -3.08
N ASN A 326 4.62 -15.23 -3.36
CA ASN A 326 5.93 -15.76 -3.70
C ASN A 326 6.37 -15.30 -5.08
N LEU A 327 7.57 -14.71 -5.16
CA LEU A 327 8.08 -14.21 -6.43
C LEU A 327 8.90 -15.27 -7.16
N LYS A 328 9.81 -15.91 -6.43
CA LYS A 328 10.63 -16.97 -7.01
C LYS A 328 9.94 -18.33 -6.88
N THR A 334 6.60 -23.98 2.50
CA THR A 334 7.59 -24.95 2.95
C THR A 334 7.30 -25.44 4.37
N GLY A 335 6.66 -24.59 5.16
CA GLY A 335 6.34 -24.92 6.54
C GLY A 335 4.85 -24.95 6.78
N ARG A 336 4.43 -24.41 7.93
CA ARG A 336 3.02 -24.34 8.27
C ARG A 336 2.29 -23.43 7.30
N PRO A 337 1.07 -23.83 6.90
CA PRO A 337 0.27 -23.01 5.99
C PRO A 337 -0.07 -21.66 6.60
N THR A 338 0.01 -20.60 5.80
CA THR A 338 -0.26 -19.26 6.29
C THR A 338 -1.21 -18.52 5.37
N LEU A 339 -2.12 -17.76 5.97
CA LEU A 339 -3.10 -16.97 5.21
C LEU A 339 -2.96 -15.49 5.53
N ILE A 340 -3.40 -14.66 4.60
CA ILE A 340 -3.43 -13.22 4.83
C ILE A 340 -4.85 -12.80 5.23
N ILE A 341 -4.96 -12.02 6.30
CA ILE A 341 -6.27 -11.63 6.82
C ILE A 341 -6.50 -10.13 6.73
N GLY A 342 -7.30 -9.71 5.75
CA GLY A 342 -7.68 -8.32 5.62
C GLY A 342 -8.94 -8.04 6.42
N PHE A 343 -8.95 -6.93 7.14
CA PHE A 343 -10.10 -6.59 7.99
C PHE A 343 -10.64 -5.20 7.69
N ALA A 344 -10.42 -4.72 6.48
CA ALA A 344 -10.92 -3.41 6.08
C ALA A 344 -12.41 -3.45 5.77
N ARG A 345 -12.82 -4.37 4.89
CA ARG A 345 -14.20 -4.48 4.47
CA ARG A 345 -14.20 -4.47 4.48
C ARG A 345 -15.04 -5.26 5.49
N LEU A 346 -14.41 -6.21 6.15
CA LEU A 346 -15.05 -7.08 7.15
C LEU A 346 -15.97 -6.32 8.12
N LYS A 347 -17.26 -6.66 8.09
CA LYS A 347 -18.21 -6.06 9.01
C LYS A 347 -17.97 -6.58 10.43
N GLU A 348 -18.24 -5.74 11.42
CA GLU A 348 -18.02 -6.11 12.81
C GLU A 348 -18.90 -7.28 13.23
N GLU A 349 -20.10 -7.35 12.68
CA GLU A 349 -21.04 -8.40 13.02
C GLU A 349 -20.68 -9.73 12.37
N ASP A 350 -19.73 -9.70 11.44
CA ASP A 350 -19.30 -10.91 10.74
C ASP A 350 -18.04 -11.52 11.36
N ILE A 351 -17.52 -10.88 12.40
CA ILE A 351 -16.26 -11.32 13.01
C ILE A 351 -16.37 -12.71 13.64
N GLN A 352 -17.35 -12.89 14.51
CA GLN A 352 -17.50 -14.16 15.23
C GLN A 352 -17.85 -15.31 14.28
N GLU A 353 -18.75 -15.03 13.33
CA GLU A 353 -19.16 -16.05 12.36
C GLU A 353 -18.03 -16.39 11.40
N GLY A 354 -17.35 -15.37 10.89
CA GLY A 354 -16.27 -15.57 9.94
C GLY A 354 -15.08 -16.31 10.53
N VAL A 355 -14.83 -16.07 11.82
CA VAL A 355 -13.72 -16.70 12.51
C VAL A 355 -14.08 -18.18 12.78
N GLN A 356 -15.36 -18.46 12.97
CA GLN A 356 -15.83 -19.82 13.12
C GLN A 356 -15.70 -20.59 11.81
N ARG A 357 -15.99 -19.92 10.70
CA ARG A 357 -15.87 -20.52 9.38
C ARG A 357 -14.40 -20.79 9.05
N LEU A 358 -13.52 -19.91 9.51
CA LEU A 358 -12.09 -20.07 9.29
C LEU A 358 -11.57 -21.31 10.01
N PHE A 359 -12.07 -21.54 11.21
CA PHE A 359 -11.69 -22.70 12.01
C PHE A 359 -12.04 -23.99 11.30
N LYS A 360 -13.22 -24.03 10.67
CA LYS A 360 -13.67 -25.20 9.95
C LYS A 360 -12.82 -25.46 8.71
N ALA A 361 -12.41 -24.38 8.06
CA ALA A 361 -11.61 -24.48 6.84
C ALA A 361 -10.20 -24.99 7.14
N VAL A 362 -9.73 -24.75 8.36
CA VAL A 362 -8.38 -25.10 8.75
C VAL A 362 -8.30 -26.48 9.39
N TYR A 363 -9.20 -26.78 10.31
CA TYR A 363 -9.16 -28.03 11.06
C TYR A 363 -10.19 -29.06 10.59
N GLY A 364 -11.24 -28.60 9.93
CA GLY A 364 -12.25 -29.51 9.41
C GLY A 364 -13.59 -29.46 10.14
N HIS A 365 -13.53 -29.31 11.46
CA HIS A 365 -14.73 -29.28 12.28
C HIS A 365 -14.87 -27.98 13.04
C1 76U B . -0.88 -0.77 -4.03
C3 76U B . 1.26 -2.34 -3.30
C4 76U B . 2.50 -3.18 -2.89
C2 76U B . 0.39 -0.27 -3.95
C5 76U B . 0.00 -2.95 -3.34
C6 76U B . -1.11 -2.18 -3.70
O1 76U B . -4.33 1.41 -5.73
O2 76U B . -3.31 1.07 -7.95
C11 76U B . -2.99 -6.87 -3.92
C12 76U B . -2.72 -8.37 -4.51
O 76U B . -2.31 2.65 -6.26
P 76U B . -3.06 1.34 -6.43
O3 76U B . -2.19 0.19 -5.83
C 76U B . -2.06 0.14 -4.42
N 76U B . 1.41 -1.04 -3.61
O4 76U B . -0.17 -4.41 -3.00
C7 76U B . -2.54 -2.81 -3.77
N1 76U B . -2.54 -3.97 -4.54
C8 76U B . -3.88 -4.53 -4.55
C9 76U B . -4.43 -4.48 -3.16
F1 76U B . -5.80 -4.68 -3.20
C10 76U B . -3.80 -5.94 -4.98
O5 76U B . -2.50 -8.54 -5.79
O6 76U B . -2.72 -9.41 -3.69
#